data_1U1P
#
_entry.id   1U1P
#
_cell.length_a   51.701
_cell.length_b   51.701
_cell.length_c   171.098
_cell.angle_alpha   90.00
_cell.angle_beta   90.00
_cell.angle_gamma   90.00
#
_symmetry.space_group_name_H-M   'P 43 21 2'
#
loop_
_entity.id
_entity.type
_entity.pdbx_description
1 polymer "5'-D(*T*TP*AP*GP*GP*GP*TP*TP*AP*(2PR)P*GP*G)-3'"
2 polymer 'Heterogeneous nuclear ribonucleoprotein A1'
3 water water
#
loop_
_entity_poly.entity_id
_entity_poly.type
_entity_poly.pdbx_seq_one_letter_code
_entity_poly.pdbx_strand_id
1 'polydeoxyribonucleotide' (DT)(DT)(DA)(DG)(DG)(DG)(DT)(DT)(DA)(2PR)(DG)(DG) B
2 'polypeptide(L)'
;MSKSESPKEPEQLRKLFIGGLSFETTDESLRSHFEQWGTLTDCVVMRDPNTKRSRGFGFVTYATVEEVDAAMNARPHKVD
GRVVEPKRAVSREDSQRPGAHLTVKKIFVGGIKEDTEEHHLRDYFEQYGKIEVIEIMTDRGSGKKRGFAFVTFDDHDSVD
KIVIQKYHTVNGHNCEVRKALSKQEMASASSSQRGR
;
A
#
# COMPACT_ATOMS: atom_id res chain seq x y z
N LYS B 8 6.52 -7.75 19.58
CA LYS B 8 5.30 -7.82 18.71
C LYS B 8 5.45 -6.84 17.55
N GLU B 9 4.41 -6.71 16.74
CA GLU B 9 4.45 -5.81 15.59
C GLU B 9 3.57 -4.58 15.79
N PRO B 10 4.00 -3.42 15.25
CA PRO B 10 3.24 -2.17 15.37
C PRO B 10 1.80 -2.29 14.89
N GLU B 11 0.89 -1.73 15.68
CA GLU B 11 -0.53 -1.74 15.36
C GLU B 11 -0.82 -1.29 13.93
N GLN B 12 -0.06 -0.30 13.47
CA GLN B 12 -0.29 0.22 12.12
C GLN B 12 -0.02 -0.81 11.02
N LEU B 13 0.99 -1.67 11.21
CA LEU B 13 1.33 -2.68 10.21
C LEU B 13 0.46 -3.92 10.33
N ARG B 14 -0.32 -4.00 11.40
CA ARG B 14 -1.19 -5.14 11.63
C ARG B 14 -2.64 -4.83 11.23
N LYS B 15 -2.85 -3.62 10.70
CA LYS B 15 -4.19 -3.16 10.33
C LYS B 15 -4.42 -2.98 8.83
N LEU B 16 -5.65 -3.30 8.41
CA LEU B 16 -6.08 -3.17 7.03
C LEU B 16 -7.28 -2.25 6.92
N PHE B 17 -7.28 -1.40 5.91
CA PHE B 17 -8.39 -0.50 5.63
C PHE B 17 -9.29 -1.32 4.72
N ILE B 18 -10.59 -1.36 5.01
CA ILE B 18 -11.51 -2.12 4.16
C ILE B 18 -12.48 -1.14 3.52
N GLY B 19 -12.30 -0.88 2.23
CA GLY B 19 -13.15 0.07 1.54
C GLY B 19 -14.30 -0.52 0.74
N GLY B 20 -15.30 0.30 0.44
CA GLY B 20 -16.45 -0.13 -0.32
C GLY B 20 -17.41 -1.06 0.42
N LEU B 21 -17.49 -0.94 1.74
CA LEU B 21 -18.38 -1.79 2.53
C LEU B 21 -19.85 -1.54 2.21
N SER B 22 -20.65 -2.59 2.22
CA SER B 22 -22.08 -2.44 2.01
C SER B 22 -22.60 -1.58 3.17
N PHE B 23 -23.57 -0.72 2.89
CA PHE B 23 -24.10 0.14 3.95
C PHE B 23 -24.67 -0.68 5.11
N GLU B 24 -24.86 -1.98 4.90
CA GLU B 24 -25.39 -2.86 5.92
C GLU B 24 -24.33 -3.56 6.76
N THR B 25 -23.06 -3.45 6.36
CA THR B 25 -21.99 -4.11 7.12
C THR B 25 -21.80 -3.45 8.48
N THR B 26 -21.68 -4.28 9.51
CA THR B 26 -21.51 -3.82 10.89
C THR B 26 -20.21 -4.37 11.46
N ASP B 27 -19.85 -3.95 12.67
CA ASP B 27 -18.63 -4.45 13.29
C ASP B 27 -18.69 -5.98 13.34
N GLU B 28 -19.86 -6.51 13.70
CA GLU B 28 -20.04 -7.96 13.80
C GLU B 28 -19.92 -8.73 12.49
N SER B 29 -20.54 -8.25 11.43
CA SER B 29 -20.43 -8.96 10.15
C SER B 29 -19.04 -8.82 9.56
N LEU B 30 -18.40 -7.67 9.79
CA LEU B 30 -17.05 -7.47 9.27
C LEU B 30 -16.11 -8.46 9.94
N ARG B 31 -16.27 -8.60 11.27
CA ARG B 31 -15.46 -9.52 12.05
C ARG B 31 -15.69 -10.97 11.64
N SER B 32 -16.95 -11.35 11.45
CA SER B 32 -17.27 -12.71 11.07
C SER B 32 -16.52 -13.11 9.79
N HIS B 33 -16.43 -12.19 8.85
CA HIS B 33 -15.73 -12.47 7.60
C HIS B 33 -14.23 -12.58 7.80
N PHE B 34 -13.61 -11.48 8.22
CA PHE B 34 -12.17 -11.44 8.36
C PHE B 34 -11.49 -12.29 9.44
N GLU B 35 -12.26 -12.81 10.40
CA GLU B 35 -11.68 -13.66 11.43
C GLU B 35 -11.27 -14.99 10.82
N GLN B 36 -11.65 -15.22 9.56
CA GLN B 36 -11.32 -16.46 8.88
C GLN B 36 -9.83 -16.57 8.62
N TRP B 37 -9.12 -15.45 8.68
CA TRP B 37 -7.69 -15.42 8.42
C TRP B 37 -6.81 -15.10 9.63
N GLY B 38 -7.42 -15.10 10.81
CA GLY B 38 -6.63 -14.81 12.01
C GLY B 38 -7.39 -14.17 13.15
N THR B 39 -6.67 -13.95 14.24
CA THR B 39 -7.21 -13.33 15.44
C THR B 39 -7.26 -11.81 15.28
N LEU B 40 -8.45 -11.24 15.35
CA LEU B 40 -8.58 -9.80 15.21
C LEU B 40 -8.47 -9.13 16.58
N THR B 41 -7.67 -8.08 16.66
CA THR B 41 -7.49 -7.37 17.92
C THR B 41 -8.37 -6.12 17.90
N ASP B 42 -8.90 -5.81 16.71
CA ASP B 42 -9.74 -4.64 16.52
C ASP B 42 -10.51 -4.83 15.21
N CYS B 43 -11.76 -4.39 15.18
CA CYS B 43 -12.59 -4.51 13.97
C CYS B 43 -13.68 -3.47 14.12
N VAL B 44 -13.75 -2.54 13.16
CA VAL B 44 -14.74 -1.49 13.28
C VAL B 44 -15.16 -0.83 11.98
N VAL B 45 -16.46 -0.51 11.90
CA VAL B 45 -17.03 0.18 10.76
C VAL B 45 -17.14 1.65 11.13
N MET B 46 -16.57 2.52 10.29
CA MET B 46 -16.64 3.96 10.56
C MET B 46 -18.01 4.48 10.22
N ARG B 47 -18.57 5.28 11.12
CA ARG B 47 -19.90 5.83 10.92
C ARG B 47 -19.93 7.34 11.06
N ASP B 48 -20.98 7.95 10.51
CA ASP B 48 -21.16 9.39 10.59
C ASP B 48 -21.49 9.69 12.05
N PRO B 49 -20.64 10.49 12.71
CA PRO B 49 -20.80 10.88 14.13
C PRO B 49 -22.21 11.32 14.49
N ASN B 50 -22.90 11.94 13.54
CA ASN B 50 -24.24 12.44 13.78
C ASN B 50 -25.34 11.45 13.40
N THR B 51 -25.45 11.13 12.11
CA THR B 51 -26.48 10.22 11.62
C THR B 51 -26.25 8.74 11.95
N LYS B 52 -25.09 8.42 12.50
CA LYS B 52 -24.76 7.03 12.85
C LYS B 52 -24.65 6.17 11.61
N ARG B 53 -24.89 6.76 10.44
CA ARG B 53 -24.81 6.04 9.17
C ARG B 53 -23.39 5.54 8.92
N SER B 54 -23.27 4.40 8.25
CA SER B 54 -21.98 3.83 7.92
C SER B 54 -21.33 4.70 6.85
N ARG B 55 -20.03 4.97 6.98
CA ARG B 55 -19.34 5.78 5.99
C ARG B 55 -18.85 4.92 4.82
N GLY B 56 -19.13 3.63 4.89
CA GLY B 56 -18.74 2.73 3.82
C GLY B 56 -17.33 2.17 3.86
N PHE B 57 -16.70 2.24 5.03
CA PHE B 57 -15.34 1.71 5.19
C PHE B 57 -15.10 1.41 6.66
N GLY B 58 -14.16 0.51 6.91
CA GLY B 58 -13.83 0.14 8.27
C GLY B 58 -12.39 -0.31 8.36
N PHE B 59 -12.01 -0.84 9.51
CA PHE B 59 -10.65 -1.33 9.71
C PHE B 59 -10.67 -2.66 10.45
N VAL B 60 -9.72 -3.51 10.10
CA VAL B 60 -9.57 -4.80 10.78
C VAL B 60 -8.09 -4.91 11.12
N THR B 61 -7.80 -5.36 12.34
CA THR B 61 -6.42 -5.50 12.79
C THR B 61 -6.20 -6.92 13.30
N TYR B 62 -5.15 -7.58 12.81
CA TYR B 62 -4.83 -8.94 13.24
C TYR B 62 -3.73 -8.94 14.29
N ALA B 63 -3.57 -10.08 14.97
CA ALA B 63 -2.54 -10.21 15.99
C ALA B 63 -1.12 -10.19 15.42
N THR B 64 -1.00 -10.55 14.15
CA THR B 64 0.32 -10.57 13.50
C THR B 64 0.24 -10.11 12.05
N VAL B 65 1.36 -9.66 11.51
CA VAL B 65 1.41 -9.22 10.12
C VAL B 65 1.26 -10.41 9.19
N GLU B 66 1.66 -11.59 9.67
CA GLU B 66 1.56 -12.80 8.86
C GLU B 66 0.09 -13.09 8.53
N GLU B 67 -0.80 -12.82 9.49
CA GLU B 67 -2.23 -13.03 9.29
C GLU B 67 -2.76 -11.97 8.32
N VAL B 68 -2.22 -10.77 8.41
CA VAL B 68 -2.62 -9.70 7.50
C VAL B 68 -2.32 -10.16 6.08
N ASP B 69 -1.11 -10.72 5.88
CA ASP B 69 -0.70 -11.18 4.56
C ASP B 69 -1.62 -12.29 4.06
N ALA B 70 -2.06 -13.17 4.95
CA ALA B 70 -2.96 -14.26 4.56
C ALA B 70 -4.27 -13.65 4.05
N ALA B 71 -4.77 -12.65 4.77
CA ALA B 71 -6.00 -11.98 4.37
C ALA B 71 -5.81 -11.38 2.99
N MET B 72 -4.71 -10.64 2.78
CA MET B 72 -4.50 -10.04 1.47
C MET B 72 -4.32 -11.08 0.37
N ASN B 73 -3.78 -12.24 0.72
CA ASN B 73 -3.59 -13.29 -0.28
C ASN B 73 -4.93 -13.96 -0.60
N ALA B 74 -5.95 -13.66 0.18
CA ALA B 74 -7.27 -14.24 0.00
C ALA B 74 -8.21 -13.41 -0.89
N ARG B 75 -7.73 -12.30 -1.44
CA ARG B 75 -8.56 -11.48 -2.32
C ARG B 75 -8.97 -12.36 -3.50
N PRO B 76 -10.13 -12.09 -4.12
CA PRO B 76 -11.09 -11.03 -3.81
C PRO B 76 -11.91 -11.35 -2.58
N HIS B 77 -12.32 -10.32 -1.85
CA HIS B 77 -13.12 -10.48 -0.65
C HIS B 77 -14.53 -9.96 -0.92
N LYS B 78 -15.52 -10.72 -0.48
CA LYS B 78 -16.91 -10.33 -0.63
C LYS B 78 -17.51 -10.35 0.76
N VAL B 79 -17.90 -9.18 1.26
CA VAL B 79 -18.48 -9.06 2.59
C VAL B 79 -19.93 -8.66 2.50
N ASP B 80 -20.80 -9.46 3.11
CA ASP B 80 -22.23 -9.20 3.09
C ASP B 80 -22.72 -9.01 1.64
N GLY B 81 -22.27 -9.91 0.76
CA GLY B 81 -22.67 -9.87 -0.64
C GLY B 81 -22.11 -8.76 -1.52
N ARG B 82 -21.17 -7.98 -0.98
CA ARG B 82 -20.56 -6.88 -1.72
C ARG B 82 -19.04 -7.06 -1.81
N VAL B 83 -18.48 -6.86 -3.00
CA VAL B 83 -17.03 -6.99 -3.17
C VAL B 83 -16.41 -5.75 -2.55
N VAL B 84 -15.57 -5.95 -1.54
CA VAL B 84 -14.93 -4.83 -0.87
C VAL B 84 -13.46 -4.78 -1.28
N GLU B 85 -12.78 -3.70 -0.91
CA GLU B 85 -11.37 -3.55 -1.26
C GLU B 85 -10.46 -3.35 -0.05
N PRO B 86 -9.81 -4.43 0.40
CA PRO B 86 -8.89 -4.40 1.54
C PRO B 86 -7.58 -3.76 1.11
N LYS B 87 -7.04 -2.88 1.94
CA LYS B 87 -5.78 -2.18 1.63
C LYS B 87 -4.96 -2.03 2.90
N ARG B 88 -3.64 -1.99 2.76
CA ARG B 88 -2.75 -1.79 3.90
C ARG B 88 -3.15 -0.43 4.47
N ALA B 89 -3.30 -0.33 5.78
CA ALA B 89 -3.71 0.93 6.40
C ALA B 89 -2.61 1.98 6.36
N VAL B 90 -2.91 3.12 5.75
CA VAL B 90 -2.00 4.24 5.63
C VAL B 90 -2.20 5.12 6.86
N SER B 91 -1.12 5.35 7.61
CA SER B 91 -1.22 6.15 8.83
C SER B 91 -1.83 7.53 8.61
N ARG B 92 -2.43 8.08 9.66
CA ARG B 92 -3.03 9.40 9.60
C ARG B 92 -2.00 10.43 9.12
N GLU B 93 -0.77 10.29 9.58
CA GLU B 93 0.30 11.20 9.18
C GLU B 93 0.57 11.13 7.68
N ASP B 94 0.75 9.92 7.18
CA ASP B 94 1.01 9.71 5.75
C ASP B 94 -0.19 9.94 4.85
N SER B 95 -1.40 9.84 5.42
CA SER B 95 -2.60 10.05 4.62
C SER B 95 -2.78 11.52 4.25
N GLN B 96 -1.90 12.38 4.74
CA GLN B 96 -1.96 13.80 4.44
C GLN B 96 -1.31 14.09 3.10
N ARG B 97 -0.52 13.15 2.59
CA ARG B 97 0.16 13.33 1.32
C ARG B 97 -0.79 13.12 0.15
N PRO B 98 -0.61 13.90 -0.92
CA PRO B 98 -1.48 13.77 -2.10
C PRO B 98 -1.37 12.39 -2.76
N GLY B 99 -2.52 11.79 -3.05
CA GLY B 99 -2.54 10.48 -3.68
C GLY B 99 -2.16 9.32 -2.79
N ALA B 100 -1.89 9.57 -1.53
CA ALA B 100 -1.51 8.53 -0.58
C ALA B 100 -2.43 7.31 -0.58
N HIS B 101 -3.70 7.52 -0.93
CA HIS B 101 -4.67 6.42 -0.93
C HIS B 101 -5.04 5.90 -2.31
N LEU B 102 -4.27 6.29 -3.32
CA LEU B 102 -4.56 5.83 -4.67
C LEU B 102 -4.07 4.40 -4.88
N THR B 103 -4.77 3.66 -5.74
CA THR B 103 -4.41 2.28 -6.04
C THR B 103 -3.43 2.34 -7.21
N VAL B 104 -2.13 2.28 -6.93
CA VAL B 104 -1.12 2.33 -8.00
C VAL B 104 -0.22 1.10 -7.97
N LYS B 105 0.37 0.79 -9.13
CA LYS B 105 1.26 -0.36 -9.25
C LYS B 105 2.72 0.01 -9.46
N LYS B 106 2.97 1.32 -9.58
CA LYS B 106 4.31 1.83 -9.80
C LYS B 106 4.77 2.71 -8.66
N ILE B 107 6.05 2.59 -8.30
CA ILE B 107 6.64 3.39 -7.25
C ILE B 107 7.77 4.22 -7.83
N PHE B 108 7.99 5.38 -7.23
CA PHE B 108 9.05 6.30 -7.59
C PHE B 108 10.12 5.96 -6.57
N VAL B 109 11.34 5.72 -7.02
CA VAL B 109 12.45 5.39 -6.13
C VAL B 109 13.46 6.53 -6.26
N GLY B 110 13.63 7.31 -5.19
CA GLY B 110 14.52 8.44 -5.25
C GLY B 110 15.78 8.37 -4.41
N GLY B 111 16.82 9.03 -4.89
CA GLY B 111 18.08 9.04 -4.18
C GLY B 111 18.91 7.79 -4.38
N ILE B 112 18.95 7.25 -5.58
CA ILE B 112 19.78 6.06 -5.81
C ILE B 112 21.08 6.53 -6.45
N LYS B 113 22.19 5.87 -6.11
CA LYS B 113 23.50 6.23 -6.64
C LYS B 113 23.53 6.10 -8.15
N GLU B 114 24.43 6.85 -8.79
CA GLU B 114 24.52 6.81 -10.24
C GLU B 114 24.99 5.48 -10.82
N ASP B 115 25.61 4.64 -10.01
CA ASP B 115 26.07 3.35 -10.50
C ASP B 115 25.06 2.25 -10.17
N THR B 116 23.83 2.65 -9.87
CA THR B 116 22.77 1.70 -9.55
C THR B 116 22.31 1.01 -10.84
N GLU B 117 22.21 -0.31 -10.80
CA GLU B 117 21.78 -1.10 -11.94
C GLU B 117 20.49 -1.85 -11.62
N GLU B 118 19.80 -2.35 -12.64
CA GLU B 118 18.55 -3.05 -12.41
C GLU B 118 18.63 -4.20 -11.42
N HIS B 119 19.72 -4.97 -11.44
CA HIS B 119 19.84 -6.07 -10.49
C HIS B 119 19.80 -5.57 -9.05
N HIS B 120 20.29 -4.36 -8.81
CA HIS B 120 20.27 -3.79 -7.46
C HIS B 120 18.82 -3.61 -7.03
N LEU B 121 18.02 -3.04 -7.92
CA LEU B 121 16.61 -2.80 -7.64
C LEU B 121 15.85 -4.11 -7.45
N ARG B 122 16.15 -5.12 -8.26
CA ARG B 122 15.48 -6.40 -8.12
C ARG B 122 15.80 -7.09 -6.80
N ASP B 123 17.08 -7.07 -6.41
CA ASP B 123 17.47 -7.71 -5.17
C ASP B 123 16.75 -7.17 -3.95
N TYR B 124 16.27 -5.94 -4.03
CA TYR B 124 15.55 -5.39 -2.89
C TYR B 124 14.04 -5.51 -3.06
N PHE B 125 13.55 -5.15 -4.25
CA PHE B 125 12.11 -5.15 -4.51
C PHE B 125 11.38 -6.43 -4.87
N GLU B 126 12.06 -7.40 -5.46
CA GLU B 126 11.37 -8.65 -5.82
C GLU B 126 10.68 -9.32 -4.63
N GLN B 127 11.25 -9.18 -3.44
CA GLN B 127 10.67 -9.79 -2.24
C GLN B 127 9.23 -9.33 -1.98
N TYR B 128 8.84 -8.20 -2.55
CA TYR B 128 7.50 -7.67 -2.34
C TYR B 128 6.46 -8.14 -3.34
N GLY B 129 6.91 -8.60 -4.49
CA GLY B 129 5.96 -9.07 -5.50
C GLY B 129 6.59 -9.12 -6.87
N LYS B 130 5.83 -9.60 -7.85
CA LYS B 130 6.32 -9.71 -9.21
C LYS B 130 6.55 -8.33 -9.83
N ILE B 131 7.77 -8.13 -10.34
CA ILE B 131 8.12 -6.88 -10.99
C ILE B 131 7.82 -7.03 -12.47
N GLU B 132 7.11 -6.06 -13.04
CA GLU B 132 6.78 -6.10 -14.46
C GLU B 132 7.68 -5.20 -15.29
N VAL B 133 8.02 -4.04 -14.73
CA VAL B 133 8.86 -3.07 -15.42
C VAL B 133 9.83 -2.32 -14.51
N ILE B 134 11.03 -2.05 -15.00
CA ILE B 134 12.01 -1.29 -14.25
C ILE B 134 12.63 -0.27 -15.18
N GLU B 135 12.67 0.98 -14.74
CA GLU B 135 13.24 2.04 -15.56
C GLU B 135 14.06 3.01 -14.72
N ILE B 136 15.37 2.97 -14.93
CA ILE B 136 16.30 3.85 -14.23
C ILE B 136 16.40 5.08 -15.12
N MET B 137 15.97 6.22 -14.60
CA MET B 137 15.94 7.44 -15.38
C MET B 137 17.26 8.14 -15.65
N THR B 138 17.38 8.64 -16.88
CA THR B 138 18.57 9.35 -17.33
C THR B 138 18.13 10.63 -18.01
N ASP B 139 19.06 11.58 -18.15
CA ASP B 139 18.76 12.85 -18.78
C ASP B 139 18.61 12.72 -20.29
N ARG B 140 17.61 13.41 -20.84
CA ARG B 140 17.36 13.38 -22.27
C ARG B 140 18.35 14.32 -22.94
N GLY B 141 19.39 13.76 -23.54
CA GLY B 141 20.39 14.59 -24.19
C GLY B 141 21.80 14.31 -23.73
N SER B 142 22.02 14.34 -22.42
CA SER B 142 23.36 14.09 -21.89
C SER B 142 23.57 12.63 -21.50
N GLY B 143 22.48 11.91 -21.30
CA GLY B 143 22.59 10.50 -20.92
C GLY B 143 23.02 10.33 -19.48
N LYS B 144 23.02 11.43 -18.72
CA LYS B 144 23.41 11.38 -17.32
C LYS B 144 22.33 10.75 -16.45
N LYS B 145 22.75 9.96 -15.46
CA LYS B 145 21.82 9.31 -14.53
C LYS B 145 21.19 10.43 -13.71
N ARG B 146 19.89 10.32 -13.44
CA ARG B 146 19.21 11.37 -12.69
C ARG B 146 18.99 11.12 -11.20
N GLY B 147 19.35 9.92 -10.73
CA GLY B 147 19.19 9.63 -9.32
C GLY B 147 17.86 9.06 -8.88
N PHE B 148 17.04 8.61 -9.81
CA PHE B 148 15.76 8.01 -9.45
C PHE B 148 15.35 6.97 -10.48
N ALA B 149 14.34 6.17 -10.14
CA ALA B 149 13.88 5.13 -11.05
C ALA B 149 12.42 4.80 -10.77
N PHE B 150 11.81 4.07 -11.68
CA PHE B 150 10.43 3.66 -11.53
C PHE B 150 10.38 2.13 -11.59
N VAL B 151 9.62 1.54 -10.68
CA VAL B 151 9.45 0.09 -10.68
C VAL B 151 7.96 -0.22 -10.69
N THR B 152 7.55 -1.08 -11.61
CA THR B 152 6.15 -1.47 -11.74
C THR B 152 5.89 -2.90 -11.31
N PHE B 153 4.88 -3.10 -10.48
CA PHE B 153 4.52 -4.43 -10.00
C PHE B 153 3.21 -4.88 -10.62
N ASP B 154 2.89 -6.15 -10.44
CA ASP B 154 1.66 -6.73 -10.97
C ASP B 154 0.51 -6.67 -9.96
N ASP B 155 0.79 -6.23 -8.74
CA ASP B 155 -0.22 -6.15 -7.68
C ASP B 155 -0.04 -4.86 -6.89
N HIS B 156 -1.13 -4.12 -6.71
CA HIS B 156 -1.08 -2.86 -5.99
C HIS B 156 -0.64 -3.07 -4.56
N ASP B 157 -0.90 -4.27 -4.02
CA ASP B 157 -0.52 -4.54 -2.64
C ASP B 157 1.00 -4.61 -2.48
N SER B 158 1.72 -4.90 -3.56
CA SER B 158 3.18 -4.96 -3.51
C SER B 158 3.69 -3.55 -3.24
N VAL B 159 3.08 -2.59 -3.92
CA VAL B 159 3.44 -1.19 -3.74
C VAL B 159 3.06 -0.73 -2.33
N ASP B 160 1.88 -1.10 -1.87
CA ASP B 160 1.43 -0.69 -0.54
C ASP B 160 2.32 -1.26 0.56
N LYS B 161 2.70 -2.54 0.44
CA LYS B 161 3.55 -3.17 1.44
C LYS B 161 4.88 -2.44 1.54
N ILE B 162 5.31 -1.84 0.43
CA ILE B 162 6.56 -1.11 0.40
C ILE B 162 6.45 0.28 1.02
N VAL B 163 5.55 1.09 0.49
CA VAL B 163 5.40 2.45 0.95
C VAL B 163 5.02 2.64 2.41
N ILE B 164 4.44 1.63 3.04
CA ILE B 164 4.10 1.79 4.45
C ILE B 164 5.34 1.62 5.32
N GLN B 165 6.46 1.23 4.71
CA GLN B 165 7.72 1.07 5.46
C GLN B 165 8.51 2.38 5.36
N LYS B 166 9.40 2.63 6.32
CA LYS B 166 10.16 3.87 6.30
C LYS B 166 11.48 3.80 5.51
N TYR B 167 12.21 2.70 5.65
CA TYR B 167 13.50 2.56 4.98
C TYR B 167 13.56 1.46 3.92
N HIS B 168 14.36 1.70 2.89
CA HIS B 168 14.54 0.76 1.79
C HIS B 168 15.99 0.86 1.32
N THR B 169 16.71 -0.25 1.34
CA THR B 169 18.12 -0.28 0.95
C THR B 169 18.35 -0.85 -0.46
N VAL B 170 18.88 -0.01 -1.35
CA VAL B 170 19.17 -0.37 -2.73
C VAL B 170 20.62 0.01 -3.06
N ASN B 171 21.39 -0.94 -3.58
CA ASN B 171 22.78 -0.67 -3.94
C ASN B 171 23.54 -0.14 -2.72
N GLY B 172 23.34 -0.80 -1.58
CA GLY B 172 24.03 -0.44 -0.35
C GLY B 172 23.52 0.69 0.53
N HIS B 173 22.63 1.54 0.02
CA HIS B 173 22.14 2.67 0.80
C HIS B 173 20.63 2.88 0.78
N ASN B 174 20.14 3.64 1.76
CA ASN B 174 18.73 3.95 1.84
C ASN B 174 18.28 4.81 0.66
N CYS B 175 17.03 4.62 0.26
CA CYS B 175 16.45 5.42 -0.82
C CYS B 175 15.00 5.67 -0.42
N GLU B 176 14.44 6.76 -0.91
CA GLU B 176 13.07 7.10 -0.61
C GLU B 176 12.15 6.49 -1.65
N VAL B 177 11.05 5.89 -1.18
CA VAL B 177 10.10 5.27 -2.09
C VAL B 177 8.69 5.80 -1.88
N ARG B 178 8.06 6.24 -2.96
CA ARG B 178 6.71 6.77 -2.90
C ARG B 178 5.88 6.28 -4.07
N LYS B 179 4.55 6.31 -3.91
CA LYS B 179 3.68 5.89 -5.00
C LYS B 179 3.95 6.85 -6.15
N ALA B 180 3.95 6.35 -7.38
CA ALA B 180 4.21 7.19 -8.53
C ALA B 180 2.99 8.05 -8.86
N LEU B 181 3.23 9.33 -9.15
CA LEU B 181 2.15 10.24 -9.50
C LEU B 181 2.33 10.66 -10.95
N SER B 182 1.22 10.79 -11.66
CA SER B 182 1.26 11.18 -13.07
C SER B 182 1.74 12.62 -13.20
N LYS B 183 2.12 13.01 -14.41
CA LYS B 183 2.57 14.36 -14.68
C LYS B 183 1.53 15.36 -14.16
N GLN B 184 0.27 15.10 -14.45
CA GLN B 184 -0.79 15.99 -13.99
C GLN B 184 -1.03 15.90 -12.48
N GLU B 185 -0.89 14.71 -11.91
CA GLU B 185 -1.08 14.58 -10.46
C GLU B 185 0.01 15.38 -9.75
N MET B 186 1.22 15.33 -10.32
CA MET B 186 2.36 16.08 -9.78
C MET B 186 2.04 17.56 -9.78
N ALA B 187 1.49 18.04 -10.89
CA ALA B 187 1.14 19.45 -11.05
C ALA B 187 0.03 19.90 -10.09
N SER B 188 -0.96 19.03 -9.87
CA SER B 188 -2.05 19.37 -8.97
C SER B 188 -1.61 19.39 -7.50
N ALA B 189 -0.62 18.57 -7.18
CA ALA B 189 -0.10 18.47 -5.81
C ALA B 189 0.76 19.65 -5.37
N SER B 190 1.37 20.37 -6.32
CA SER B 190 2.21 21.50 -5.98
C SER B 190 1.47 22.83 -6.12
#